data_1CI3
#
_entry.id   1CI3
#
_cell.length_a   109.600
_cell.length_b   109.600
_cell.length_c   145.100
_cell.angle_alpha   90.00
_cell.angle_beta   90.00
_cell.angle_gamma   120.00
#
_symmetry.space_group_name_H-M   'H 3 2'
#
loop_
_entity.id
_entity.type
_entity.pdbx_description
1 polymer 'PROTEIN (CYTOCHROME F)'
2 non-polymer 'ZINC ION'
3 non-polymer 'HEME C'
4 water water
#
_entity_poly.entity_id   1
_entity_poly.type   'polypeptide(L)'
_entity_poly.pdbx_seq_one_letter_code
;YPFWAQQNYANPREATGRIVCANCHLAAKPAEIEVPQAVLPDSVFKAVVKIPYDHSVQQVQADGSKGPLNVGAVLMLPEG
FTIAPEDRIPEEMKEEVGPSYLFQPYADDKQNIVLVGPLPGDEYEEIVFPVLSPNPATNKSVAFGKYSIHLGANRGRGQI
YPTGEKSNNAVYNASAAGVITAIAKADDGSAEVKIRTEDGTTIVDKIPAGPELIVSEGEEVAAGAALTNNPNVGGFGQKD
TEIVLQSPN
;
_entity_poly.pdbx_strand_id   M
#
loop_
_chem_comp.id
_chem_comp.type
_chem_comp.name
_chem_comp.formula
HEC non-polymer 'HEME C' 'C34 H34 Fe N4 O4'
ZN non-polymer 'ZINC ION' 'Zn 2'
#
# COMPACT_ATOMS: atom_id res chain seq x y z
N TYR A 1 -5.72 -3.69 1.01
CA TYR A 1 -5.14 -4.77 0.17
C TYR A 1 -5.25 -4.49 -1.31
N PRO A 2 -4.35 -5.11 -2.10
CA PRO A 2 -4.39 -4.93 -3.54
C PRO A 2 -5.80 -5.25 -4.04
N PHE A 3 -6.43 -6.26 -3.44
CA PHE A 3 -7.76 -6.66 -3.90
C PHE A 3 -8.79 -5.54 -3.72
N TRP A 4 -8.61 -4.71 -2.69
CA TRP A 4 -9.56 -3.61 -2.47
C TRP A 4 -9.34 -2.49 -3.49
N ALA A 5 -8.13 -2.41 -4.05
CA ALA A 5 -7.91 -1.45 -5.09
C ALA A 5 -8.70 -1.96 -6.33
N GLN A 6 -8.51 -3.24 -6.66
CA GLN A 6 -9.21 -3.85 -7.80
C GLN A 6 -10.74 -3.69 -7.71
N GLN A 7 -11.29 -3.90 -6.53
CA GLN A 7 -12.75 -3.77 -6.36
C GLN A 7 -13.30 -2.36 -6.50
N ASN A 8 -12.48 -1.37 -6.16
CA ASN A 8 -12.99 -0.01 -6.17
C ASN A 8 -12.49 0.93 -7.24
N TYR A 9 -11.45 0.53 -7.96
CA TYR A 9 -10.87 1.40 -8.99
C TYR A 9 -10.50 0.62 -10.24
N ALA A 10 -11.18 0.90 -11.36
CA ALA A 10 -10.83 0.22 -12.61
C ALA A 10 -9.40 0.59 -13.02
N ASN A 11 -9.04 1.84 -12.76
N ASN A 11 -9.01 1.84 -12.81
CA ASN A 11 -7.71 2.34 -13.11
CA ASN A 11 -7.65 2.27 -13.14
C ASN A 11 -6.99 2.65 -11.79
C ASN A 11 -6.98 2.62 -11.83
N PRO A 12 -5.90 1.93 -11.48
CA PRO A 12 -5.18 2.20 -10.22
C PRO A 12 -4.31 3.45 -10.14
N ARG A 13 -4.14 4.15 -11.26
CA ARG A 13 -3.33 5.37 -11.30
C ARG A 13 -4.23 6.53 -11.73
N GLU A 14 -4.45 7.48 -10.83
CA GLU A 14 -5.31 8.63 -11.14
C GLU A 14 -4.64 9.58 -12.14
N ALA A 15 -5.42 10.52 -12.66
CA ALA A 15 -4.94 11.47 -13.66
C ALA A 15 -3.67 12.20 -13.23
N THR A 16 -3.59 12.49 -11.95
CA THR A 16 -2.46 13.20 -11.39
C THR A 16 -1.23 12.33 -11.16
N GLY A 17 -1.38 11.03 -11.41
CA GLY A 17 -0.26 10.12 -11.18
C GLY A 17 -0.37 9.47 -9.80
N ARG A 18 -1.31 9.93 -8.99
CA ARG A 18 -1.48 9.37 -7.66
C ARG A 18 -2.05 7.96 -7.80
N ILE A 19 -1.45 7.01 -7.11
CA ILE A 19 -1.90 5.61 -7.15
C ILE A 19 -2.94 5.39 -6.05
N VAL A 20 -4.04 4.73 -6.42
CA VAL A 20 -5.17 4.58 -5.50
C VAL A 20 -5.03 3.99 -4.12
N CYS A 21 -3.94 3.29 -3.85
CA CYS A 21 -3.74 2.73 -2.50
C CYS A 21 -3.71 3.88 -1.52
N ALA A 22 -3.30 5.05 -2.01
CA ALA A 22 -3.18 6.24 -1.16
C ALA A 22 -4.52 6.72 -0.59
N ASN A 23 -5.62 6.29 -1.21
CA ASN A 23 -6.94 6.68 -0.71
C ASN A 23 -7.26 6.06 0.62
N CYS A 24 -6.52 5.02 1.00
CA CYS A 24 -6.75 4.34 2.27
C CYS A 24 -5.51 4.15 3.12
N HIS A 25 -4.33 4.12 2.49
CA HIS A 25 -3.07 3.99 3.22
C HIS A 25 -2.57 5.42 3.17
N LEU A 26 -2.94 6.15 4.23
CA LEU A 26 -2.72 7.59 4.29
C LEU A 26 -1.35 8.18 4.53
N ALA A 27 -0.41 7.41 5.09
CA ALA A 27 0.94 7.94 5.36
C ALA A 27 1.89 7.68 4.22
N ALA A 28 2.83 8.60 4.00
CA ALA A 28 3.81 8.42 2.93
C ALA A 28 5.07 7.72 3.49
N LYS A 29 5.60 6.75 2.75
CA LYS A 29 6.82 6.04 3.13
C LYS A 29 7.50 5.75 1.79
N PRO A 30 8.83 5.52 1.79
CA PRO A 30 9.54 5.26 0.52
C PRO A 30 9.16 4.01 -0.28
N ALA A 31 9.39 4.09 -1.59
CA ALA A 31 9.13 2.99 -2.50
C ALA A 31 10.34 3.01 -3.43
N GLU A 32 10.98 1.86 -3.60
CA GLU A 32 12.15 1.81 -4.46
C GLU A 32 11.95 0.77 -5.56
N ILE A 33 12.45 1.05 -6.75
CA ILE A 33 12.34 0.13 -7.87
C ILE A 33 13.58 0.26 -8.77
N GLU A 34 14.17 -0.87 -9.11
CA GLU A 34 15.35 -0.88 -9.97
C GLU A 34 15.09 -1.81 -11.16
N VAL A 35 15.33 -1.31 -12.35
CA VAL A 35 15.20 -2.09 -13.57
C VAL A 35 16.38 -1.72 -14.46
N PRO A 36 16.71 -2.57 -15.44
CA PRO A 36 17.84 -2.24 -16.32
C PRO A 36 17.53 -0.97 -17.11
N GLN A 37 18.56 -0.33 -17.64
CA GLN A 37 18.38 0.89 -18.42
C GLN A 37 17.61 0.57 -19.70
N ALA A 38 17.91 -0.57 -20.29
CA ALA A 38 17.25 -1.00 -21.54
C ALA A 38 17.08 -2.51 -21.58
N VAL A 39 16.14 -2.97 -22.40
N VAL A 39 16.14 -2.97 -22.40
CA VAL A 39 15.87 -4.38 -22.55
CA VAL A 39 15.85 -4.38 -22.54
C VAL A 39 15.55 -4.67 -24.02
C VAL A 39 15.52 -4.69 -24.01
N LEU A 40 15.96 -5.85 -24.50
CA LEU A 40 15.69 -6.22 -25.88
C LEU A 40 14.27 -6.74 -25.94
N PRO A 41 13.68 -6.79 -27.14
CA PRO A 41 12.31 -7.27 -27.29
C PRO A 41 12.17 -8.75 -26.90
N ASP A 42 10.95 -9.11 -26.52
CA ASP A 42 10.63 -10.48 -26.11
C ASP A 42 11.72 -11.08 -25.22
N SER A 43 12.15 -10.30 -24.22
CA SER A 43 13.19 -10.71 -23.30
C SER A 43 12.72 -10.58 -21.84
N VAL A 44 13.30 -11.38 -20.98
CA VAL A 44 12.94 -11.35 -19.57
C VAL A 44 13.98 -10.59 -18.78
N PHE A 45 13.52 -9.68 -17.91
CA PHE A 45 14.43 -8.91 -17.09
C PHE A 45 13.83 -8.82 -15.67
N LYS A 46 14.64 -8.38 -14.72
CA LYS A 46 14.19 -8.27 -13.34
C LYS A 46 13.84 -6.85 -12.92
N ALA A 47 12.74 -6.71 -12.19
CA ALA A 47 12.33 -5.41 -11.66
C ALA A 47 12.40 -5.67 -10.16
N VAL A 48 13.31 -4.98 -9.48
CA VAL A 48 13.51 -5.20 -8.04
C VAL A 48 12.84 -4.11 -7.22
N VAL A 49 11.91 -4.54 -6.36
CA VAL A 49 11.13 -3.61 -5.54
C VAL A 49 11.51 -3.74 -4.05
N LYS A 50 11.66 -2.60 -3.38
CA LYS A 50 11.97 -2.57 -1.94
C LYS A 50 10.96 -1.61 -1.27
N ILE A 51 10.59 -1.95 -0.05
CA ILE A 51 9.55 -1.23 0.70
C ILE A 51 10.09 -1.09 2.12
N PRO A 52 11.03 -0.15 2.33
CA PRO A 52 11.62 0.03 3.66
C PRO A 52 10.78 0.43 4.87
N TYR A 53 11.14 -0.16 6.01
CA TYR A 53 10.58 0.20 7.31
C TYR A 53 11.46 -0.45 8.35
N ASP A 54 11.40 0.05 9.57
CA ASP A 54 12.22 -0.49 10.66
C ASP A 54 11.60 -1.80 11.13
N HIS A 55 12.27 -2.90 10.85
CA HIS A 55 11.74 -4.18 11.25
C HIS A 55 11.65 -4.37 12.76
N SER A 56 12.22 -3.44 13.53
CA SER A 56 12.11 -3.59 14.97
C SER A 56 10.83 -2.92 15.49
N VAL A 57 10.09 -2.24 14.62
CA VAL A 57 8.88 -1.55 15.09
C VAL A 57 7.63 -2.34 14.72
N GLN A 58 6.77 -2.63 15.71
CA GLN A 58 5.53 -3.37 15.46
C GLN A 58 4.35 -2.43 15.25
N GLN A 59 3.31 -2.96 14.60
CA GLN A 59 2.11 -2.17 14.30
C GLN A 59 0.91 -2.73 15.04
N VAL A 60 -0.13 -1.91 15.14
CA VAL A 60 -1.37 -2.32 15.76
C VAL A 60 -2.05 -3.27 14.75
N GLN A 61 -2.48 -4.44 15.22
CA GLN A 61 -3.14 -5.42 14.35
C GLN A 61 -4.67 -5.31 14.48
N ALA A 62 -5.37 -6.10 13.67
CA ALA A 62 -6.82 -6.10 13.65
C ALA A 62 -7.44 -6.29 15.05
N ASP A 63 -6.80 -7.09 15.89
CA ASP A 63 -7.33 -7.33 17.23
C ASP A 63 -6.80 -6.32 18.24
N GLY A 64 -6.09 -5.31 17.77
CA GLY A 64 -5.54 -4.30 18.67
C GLY A 64 -4.16 -4.58 19.25
N SER A 65 -3.70 -5.82 19.18
CA SER A 65 -2.37 -6.16 19.71
C SER A 65 -1.23 -5.82 18.73
N LYS A 66 0.01 -5.79 19.21
CA LYS A 66 1.15 -5.45 18.34
C LYS A 66 1.68 -6.67 17.61
N GLY A 67 2.04 -6.47 16.35
CA GLY A 67 2.59 -7.56 15.56
C GLY A 67 3.37 -7.03 14.37
N PRO A 68 3.85 -7.92 13.49
CA PRO A 68 4.63 -7.58 12.30
C PRO A 68 3.83 -6.92 11.21
N LEU A 69 4.53 -6.34 10.23
CA LEU A 69 3.89 -5.68 9.11
C LEU A 69 3.96 -6.55 7.88
N ASN A 70 2.97 -6.39 6.99
CA ASN A 70 2.95 -7.09 5.72
C ASN A 70 3.13 -6.02 4.65
N VAL A 71 3.60 -6.44 3.48
CA VAL A 71 3.86 -5.49 2.41
C VAL A 71 3.15 -5.91 1.13
N GLY A 72 3.03 -4.97 0.21
CA GLY A 72 2.37 -5.27 -1.04
C GLY A 72 2.67 -4.15 -1.99
N ALA A 73 2.37 -4.35 -3.28
CA ALA A 73 2.68 -3.30 -4.24
C ALA A 73 1.90 -3.48 -5.53
N VAL A 74 1.83 -2.41 -6.33
CA VAL A 74 1.23 -2.45 -7.65
C VAL A 74 2.38 -1.93 -8.54
N LEU A 75 2.76 -2.71 -9.55
CA LEU A 75 3.84 -2.31 -10.44
C LEU A 75 3.22 -2.11 -11.82
N MET A 76 3.20 -0.86 -12.29
CA MET A 76 2.58 -0.57 -13.58
C MET A 76 3.63 -0.52 -14.66
N LEU A 77 3.61 -1.54 -15.51
CA LEU A 77 4.57 -1.67 -16.61
C LEU A 77 3.95 -1.07 -17.87
N PRO A 78 4.78 -0.81 -18.88
CA PRO A 78 4.24 -0.22 -20.13
C PRO A 78 3.38 -1.24 -20.87
N GLU A 79 2.60 -0.72 -21.81
CA GLU A 79 1.72 -1.52 -22.65
C GLU A 79 2.55 -2.65 -23.27
N GLY A 80 1.98 -3.86 -23.28
CA GLY A 80 2.65 -5.01 -23.85
C GLY A 80 3.53 -5.83 -22.90
N PHE A 81 3.99 -5.20 -21.83
CA PHE A 81 4.84 -5.88 -20.86
C PHE A 81 3.94 -6.73 -19.94
N THR A 82 4.45 -7.88 -19.53
CA THR A 82 3.72 -8.77 -18.62
C THR A 82 4.72 -9.50 -17.73
N ILE A 83 4.20 -10.14 -16.69
CA ILE A 83 5.05 -10.91 -15.80
C ILE A 83 5.48 -12.06 -16.71
N ALA A 84 6.73 -12.49 -16.61
CA ALA A 84 7.25 -13.56 -17.44
C ALA A 84 6.70 -14.95 -17.12
N PRO A 85 6.30 -15.72 -18.16
CA PRO A 85 5.80 -17.07 -17.84
C PRO A 85 7.01 -17.86 -17.36
N GLU A 86 6.78 -18.87 -16.53
CA GLU A 86 7.89 -19.63 -15.99
C GLU A 86 8.82 -20.27 -17.02
N ASP A 87 8.26 -20.75 -18.13
CA ASP A 87 9.09 -21.38 -19.13
C ASP A 87 9.95 -20.40 -19.96
N ARG A 88 9.78 -19.10 -19.73
CA ARG A 88 10.55 -18.09 -20.43
C ARG A 88 11.63 -17.52 -19.52
N ILE A 89 11.61 -17.90 -18.25
CA ILE A 89 12.62 -17.43 -17.31
C ILE A 89 13.92 -18.22 -17.46
N PRO A 90 15.01 -17.54 -17.85
CA PRO A 90 16.29 -18.25 -18.01
C PRO A 90 16.72 -19.01 -16.76
N GLU A 91 17.57 -20.00 -16.97
CA GLU A 91 18.08 -20.84 -15.88
C GLU A 91 18.77 -20.14 -14.71
N GLU A 92 19.80 -19.34 -14.97
CA GLU A 92 20.48 -18.66 -13.88
C GLU A 92 19.59 -17.69 -13.12
N MET A 93 18.44 -17.36 -13.71
CA MET A 93 17.53 -16.40 -13.10
C MET A 93 16.40 -16.94 -12.24
N LYS A 94 15.90 -18.13 -12.58
CA LYS A 94 14.78 -18.71 -11.85
C LYS A 94 14.86 -18.62 -10.33
N GLU A 95 16.04 -18.83 -9.75
CA GLU A 95 16.16 -18.75 -8.31
C GLU A 95 16.45 -17.34 -7.80
N GLU A 96 16.52 -16.37 -8.71
CA GLU A 96 16.78 -14.99 -8.32
C GLU A 96 15.49 -14.17 -8.28
N VAL A 97 14.40 -14.75 -8.76
CA VAL A 97 13.14 -14.01 -8.84
C VAL A 97 12.03 -14.63 -8.01
N GLY A 98 10.99 -13.83 -7.72
CA GLY A 98 9.89 -14.33 -6.93
C GLY A 98 9.15 -15.47 -7.62
N PRO A 99 8.56 -16.41 -6.86
CA PRO A 99 7.82 -17.51 -7.49
C PRO A 99 6.57 -16.98 -8.20
N SER A 100 6.19 -17.63 -9.28
CA SER A 100 5.04 -17.22 -10.09
C SER A 100 3.78 -16.88 -9.33
N TYR A 101 3.46 -17.64 -8.28
CA TYR A 101 2.23 -17.40 -7.55
C TYR A 101 2.16 -16.06 -6.86
N LEU A 102 3.29 -15.40 -6.65
CA LEU A 102 3.27 -14.08 -6.00
C LEU A 102 2.55 -13.01 -6.81
N PHE A 103 2.57 -13.15 -8.13
CA PHE A 103 2.05 -12.10 -9.01
C PHE A 103 0.67 -12.27 -9.63
N GLN A 104 -0.13 -11.23 -9.47
CA GLN A 104 -1.52 -11.25 -9.93
C GLN A 104 -1.76 -10.06 -10.88
N PRO A 105 -2.39 -10.31 -12.05
CA PRO A 105 -2.65 -9.20 -12.98
C PRO A 105 -3.79 -8.36 -12.38
N TYR A 106 -3.79 -7.05 -12.63
CA TYR A 106 -4.84 -6.18 -12.08
C TYR A 106 -6.21 -6.55 -12.64
N ALA A 107 -6.22 -6.94 -13.90
CA ALA A 107 -7.45 -7.31 -14.60
C ALA A 107 -7.04 -8.09 -15.84
N ASP A 108 -7.98 -8.80 -16.43
CA ASP A 108 -7.66 -9.59 -17.62
C ASP A 108 -7.03 -8.77 -18.72
N ASP A 109 -7.53 -7.55 -18.90
CA ASP A 109 -7.03 -6.67 -19.95
C ASP A 109 -6.01 -5.65 -19.44
N LYS A 110 -5.43 -5.93 -18.27
CA LYS A 110 -4.42 -5.06 -17.69
C LYS A 110 -3.32 -5.92 -17.07
N GLN A 111 -2.82 -6.88 -17.85
CA GLN A 111 -1.78 -7.75 -17.38
C GLN A 111 -0.42 -7.07 -17.25
N ASN A 112 -0.34 -5.82 -17.70
CA ASN A 112 0.90 -5.06 -17.56
C ASN A 112 0.90 -4.38 -16.17
N ILE A 113 -0.22 -4.50 -15.46
CA ILE A 113 -0.32 -3.95 -14.09
C ILE A 113 -0.31 -5.15 -13.17
N VAL A 114 0.79 -5.28 -12.42
CA VAL A 114 1.00 -6.42 -11.55
C VAL A 114 0.90 -6.12 -10.06
N LEU A 115 0.14 -6.96 -9.35
CA LEU A 115 -0.04 -6.80 -7.91
C LEU A 115 0.67 -7.90 -7.15
N VAL A 116 1.19 -7.56 -5.98
N VAL A 116 1.17 -7.56 -5.97
CA VAL A 116 1.84 -8.56 -5.13
CA VAL A 116 1.84 -8.54 -5.12
C VAL A 116 1.43 -8.23 -3.68
C VAL A 116 1.43 -8.22 -3.68
N GLY A 117 1.30 -9.26 -2.86
CA GLY A 117 0.96 -9.06 -1.46
C GLY A 117 -0.52 -9.22 -1.16
N PRO A 118 -0.88 -9.23 0.14
CA PRO A 118 0.02 -9.07 1.28
C PRO A 118 1.06 -10.19 1.48
N LEU A 119 2.30 -9.79 1.77
CA LEU A 119 3.40 -10.71 2.03
C LEU A 119 4.03 -10.30 3.37
N PRO A 120 4.59 -11.27 4.12
CA PRO A 120 5.21 -10.90 5.40
C PRO A 120 6.42 -10.01 5.13
N GLY A 121 6.43 -8.83 5.74
CA GLY A 121 7.53 -7.89 5.51
C GLY A 121 8.90 -8.39 5.91
N ASP A 122 8.96 -9.22 6.93
CA ASP A 122 10.25 -9.73 7.38
C ASP A 122 10.88 -10.74 6.45
N GLU A 123 10.08 -11.32 5.55
CA GLU A 123 10.62 -12.30 4.62
C GLU A 123 10.93 -11.75 3.26
N TYR A 124 10.29 -10.64 2.91
CA TYR A 124 10.52 -10.04 1.60
C TYR A 124 11.17 -8.68 1.65
N GLU A 125 12.50 -8.67 1.76
CA GLU A 125 13.25 -7.44 1.81
C GLU A 125 13.33 -6.86 0.40
N GLU A 126 13.30 -7.74 -0.59
CA GLU A 126 13.27 -7.35 -2.01
C GLU A 126 12.20 -8.24 -2.64
N ILE A 127 11.40 -7.70 -3.55
CA ILE A 127 10.41 -8.51 -4.26
C ILE A 127 10.93 -8.38 -5.69
N VAL A 128 11.33 -9.49 -6.28
CA VAL A 128 11.89 -9.45 -7.62
C VAL A 128 10.91 -9.95 -8.65
N PHE A 129 10.43 -9.04 -9.49
CA PHE A 129 9.46 -9.38 -10.54
C PHE A 129 10.20 -9.80 -11.84
N PRO A 130 9.87 -10.99 -12.38
CA PRO A 130 10.51 -11.44 -13.63
C PRO A 130 9.55 -10.89 -14.68
N VAL A 131 10.04 -9.99 -15.51
CA VAL A 131 9.18 -9.33 -16.49
C VAL A 131 9.55 -9.66 -17.93
N LEU A 132 8.54 -9.91 -18.75
CA LEU A 132 8.73 -10.21 -20.17
C LEU A 132 8.40 -8.96 -21.02
N SER A 133 9.37 -8.46 -21.78
CA SER A 133 9.15 -7.30 -22.63
C SER A 133 8.36 -7.74 -23.88
N PRO A 134 7.59 -6.83 -24.50
CA PRO A 134 6.83 -7.20 -25.71
C PRO A 134 7.74 -7.17 -26.95
N ASN A 135 7.17 -7.50 -28.10
CA ASN A 135 7.93 -7.51 -29.36
C ASN A 135 7.22 -6.66 -30.41
N PRO A 136 7.66 -5.40 -30.57
CA PRO A 136 7.09 -4.44 -31.53
C PRO A 136 6.95 -4.95 -32.96
N ALA A 137 7.93 -5.72 -33.41
CA ALA A 137 7.91 -6.25 -34.77
C ALA A 137 6.63 -7.06 -35.02
N THR A 138 6.16 -7.75 -33.98
CA THR A 138 4.96 -8.56 -34.13
C THR A 138 3.77 -8.06 -33.32
N ASN A 139 3.93 -6.94 -32.65
CA ASN A 139 2.85 -6.36 -31.87
C ASN A 139 2.77 -4.89 -32.24
N LYS A 140 1.78 -4.55 -33.06
CA LYS A 140 1.59 -3.19 -33.55
C LYS A 140 1.18 -2.16 -32.50
N SER A 141 0.66 -2.63 -31.36
CA SER A 141 0.23 -1.71 -30.32
C SER A 141 1.38 -1.12 -29.51
N VAL A 142 2.58 -1.66 -29.72
CA VAL A 142 3.75 -1.19 -28.98
C VAL A 142 4.92 -0.88 -29.92
N ALA A 143 5.69 0.15 -29.58
CA ALA A 143 6.82 0.54 -30.39
C ALA A 143 8.08 0.61 -29.55
N PHE A 144 9.25 0.63 -30.20
CA PHE A 144 10.51 0.75 -29.48
C PHE A 144 10.55 2.18 -28.96
N GLY A 145 11.26 2.39 -27.85
CA GLY A 145 11.31 3.74 -27.29
C GLY A 145 11.51 3.68 -25.79
N LYS A 146 11.51 4.85 -25.14
CA LYS A 146 11.73 4.93 -23.70
C LYS A 146 10.38 4.96 -23.01
N TYR A 147 10.20 4.15 -21.98
CA TYR A 147 8.92 4.14 -21.29
C TYR A 147 9.04 4.30 -19.78
N SER A 148 7.94 4.67 -19.16
CA SER A 148 7.89 4.88 -17.73
C SER A 148 7.25 3.69 -17.05
N ILE A 149 7.73 3.38 -15.85
CA ILE A 149 7.18 2.29 -15.04
C ILE A 149 6.79 2.99 -13.72
N HIS A 150 5.60 2.72 -13.22
CA HIS A 150 5.16 3.36 -11.98
C HIS A 150 5.01 2.33 -10.87
N LEU A 151 5.61 2.61 -9.72
CA LEU A 151 5.48 1.70 -8.60
C LEU A 151 4.71 2.37 -7.45
N GLY A 152 3.81 1.58 -6.85
CA GLY A 152 3.05 2.00 -5.67
C GLY A 152 3.36 0.90 -4.65
N ALA A 153 3.98 1.22 -3.51
CA ALA A 153 4.32 0.17 -2.56
C ALA A 153 3.88 0.51 -1.16
N ASN A 154 3.27 -0.47 -0.49
CA ASN A 154 2.77 -0.28 0.86
C ASN A 154 3.33 -1.24 1.90
N ARG A 155 3.35 -0.78 3.16
CA ARG A 155 3.70 -1.65 4.27
C ARG A 155 2.75 -1.23 5.38
N GLY A 156 2.21 -2.20 6.12
CA GLY A 156 1.33 -1.86 7.24
C GLY A 156 -0.13 -1.68 6.88
N ARG A 157 -0.98 -1.85 7.89
CA ARG A 157 -2.44 -1.75 7.74
C ARG A 157 -2.95 -0.36 7.37
N GLY A 158 -3.96 -0.31 6.52
CA GLY A 158 -4.51 0.96 6.10
C GLY A 158 -5.37 1.61 7.18
N GLN A 159 -5.80 2.82 6.89
CA GLN A 159 -6.60 3.67 7.78
C GLN A 159 -8.11 3.70 7.53
N ILE A 160 -8.53 3.27 6.35
CA ILE A 160 -9.94 3.30 5.96
C ILE A 160 -10.26 2.01 5.23
N TYR A 161 -11.44 1.45 5.51
CA TYR A 161 -11.88 0.21 4.87
C TYR A 161 -12.72 0.50 3.64
N PRO A 162 -12.93 -0.52 2.78
CA PRO A 162 -13.74 -0.36 1.57
C PRO A 162 -15.17 0.05 1.96
N THR A 163 -15.53 -0.17 3.22
CA THR A 163 -16.86 0.23 3.71
C THR A 163 -16.89 1.73 3.96
N GLY A 164 -15.72 2.37 4.01
CA GLY A 164 -15.67 3.78 4.31
C GLY A 164 -15.44 4.04 5.79
N GLU A 165 -15.46 2.98 6.59
CA GLU A 165 -15.22 3.15 8.01
C GLU A 165 -13.72 3.20 8.33
N LYS A 166 -13.36 3.92 9.39
CA LYS A 166 -11.95 4.01 9.77
C LYS A 166 -11.52 2.73 10.48
N SER A 167 -10.27 2.33 10.29
CA SER A 167 -9.74 1.13 10.94
C SER A 167 -9.25 1.54 12.33
N ASN A 168 -8.72 0.59 13.09
CA ASN A 168 -8.17 0.91 14.40
C ASN A 168 -6.73 1.39 14.30
N ASN A 169 -6.22 1.52 13.07
CA ASN A 169 -4.84 2.00 12.85
C ASN A 169 -4.91 3.43 12.36
N ALA A 170 -5.63 4.27 13.11
CA ALA A 170 -5.81 5.65 12.72
C ALA A 170 -6.08 6.52 13.93
N VAL A 171 -5.99 7.83 13.72
CA VAL A 171 -6.25 8.80 14.78
C VAL A 171 -7.76 8.94 14.94
N TYR A 172 -8.23 9.01 16.19
CA TYR A 172 -9.64 9.23 16.44
C TYR A 172 -9.79 10.64 17.03
N ASN A 173 -10.71 11.42 16.49
CA ASN A 173 -10.87 12.82 16.93
C ASN A 173 -12.17 13.14 17.65
N ALA A 174 -12.12 14.18 18.47
CA ALA A 174 -13.27 14.63 19.23
C ALA A 174 -14.38 15.03 18.26
N SER A 175 -15.53 14.37 18.38
CA SER A 175 -16.67 14.63 17.51
C SER A 175 -17.29 15.99 17.84
N ALA A 176 -16.89 16.58 18.96
CA ALA A 176 -17.42 17.87 19.40
C ALA A 176 -16.54 18.46 20.51
N ALA A 177 -16.57 19.78 20.63
CA ALA A 177 -15.79 20.47 21.66
C ALA A 177 -16.48 20.40 23.02
N GLY A 178 -15.70 20.36 24.08
CA GLY A 178 -16.25 20.30 25.42
C GLY A 178 -15.25 19.76 26.44
N VAL A 179 -15.77 19.31 27.58
CA VAL A 179 -14.90 18.77 28.61
C VAL A 179 -15.07 17.25 28.76
N ILE A 180 -13.96 16.55 28.92
CA ILE A 180 -14.03 15.10 29.08
C ILE A 180 -14.42 14.81 30.52
N THR A 181 -15.63 14.28 30.68
CA THR A 181 -16.16 13.96 32.00
C THR A 181 -15.83 12.54 32.42
N ALA A 182 -15.62 11.67 31.43
CA ALA A 182 -15.27 10.29 31.75
C ALA A 182 -14.64 9.57 30.57
N ILE A 183 -13.92 8.51 30.87
CA ILE A 183 -13.28 7.71 29.84
C ILE A 183 -13.49 6.26 30.23
N ALA A 184 -14.52 5.66 29.64
CA ALA A 184 -14.85 4.26 29.92
C ALA A 184 -13.89 3.36 29.15
N LYS A 185 -13.00 2.70 29.89
CA LYS A 185 -12.01 1.81 29.30
C LYS A 185 -12.36 0.34 29.51
N ALA A 186 -12.76 -0.33 28.44
CA ALA A 186 -13.09 -1.75 28.51
C ALA A 186 -11.78 -2.53 28.50
N ASP A 187 -11.71 -3.64 29.22
CA ASP A 187 -10.47 -4.41 29.21
C ASP A 187 -10.33 -5.04 27.84
N ASP A 188 -11.27 -4.69 26.97
CA ASP A 188 -11.35 -5.11 25.57
C ASP A 188 -10.22 -4.33 24.88
N GLY A 189 -9.86 -3.21 25.50
CA GLY A 189 -8.83 -2.35 24.98
C GLY A 189 -9.50 -1.12 24.38
N SER A 190 -10.77 -1.28 24.00
CA SER A 190 -11.52 -0.19 23.40
C SER A 190 -11.89 0.82 24.48
N ALA A 191 -12.37 1.98 24.04
CA ALA A 191 -12.75 3.00 25.00
C ALA A 191 -13.90 3.88 24.53
N GLU A 192 -14.50 4.58 25.49
CA GLU A 192 -15.59 5.50 25.18
C GLU A 192 -15.25 6.79 25.91
N VAL A 193 -15.19 7.87 25.16
CA VAL A 193 -14.88 9.15 25.75
C VAL A 193 -16.13 10.01 25.78
N LYS A 194 -16.55 10.36 26.99
CA LYS A 194 -17.73 11.18 27.21
C LYS A 194 -17.33 12.64 27.23
N ILE A 195 -17.93 13.42 26.35
CA ILE A 195 -17.63 14.84 26.24
C ILE A 195 -18.87 15.70 26.53
N ARG A 196 -18.71 16.61 27.49
CA ARG A 196 -19.76 17.53 27.91
C ARG A 196 -19.63 18.81 27.09
N THR A 197 -20.55 19.03 26.14
CA THR A 197 -20.48 20.22 25.30
C THR A 197 -20.83 21.51 26.07
N GLU A 198 -20.39 22.64 25.51
CA GLU A 198 -20.59 23.96 26.13
C GLU A 198 -22.02 24.47 26.19
N ASP A 199 -22.91 23.66 26.73
CA ASP A 199 -24.31 24.02 26.89
C ASP A 199 -25.20 22.83 27.22
N GLY A 200 -24.73 22.01 28.17
CA GLY A 200 -25.50 20.87 28.63
C GLY A 200 -25.30 19.48 28.04
N THR A 201 -25.38 19.37 26.72
CA THR A 201 -25.26 18.10 26.01
C THR A 201 -23.98 17.28 26.21
N THR A 202 -24.15 15.97 26.35
CA THR A 202 -23.02 15.05 26.51
C THR A 202 -23.01 14.06 25.35
N ILE A 203 -21.87 13.95 24.68
CA ILE A 203 -21.72 13.03 23.55
C ILE A 203 -20.66 11.99 23.87
N VAL A 204 -20.75 10.85 23.20
CA VAL A 204 -19.80 9.76 23.41
C VAL A 204 -19.05 9.35 22.14
N ASP A 205 -17.73 9.44 22.18
CA ASP A 205 -16.92 9.03 21.03
C ASP A 205 -16.31 7.69 21.35
N LYS A 206 -16.59 6.71 20.50
CA LYS A 206 -16.08 5.36 20.67
C LYS A 206 -14.75 5.17 19.94
N ILE A 207 -13.78 4.60 20.64
CA ILE A 207 -12.47 4.35 20.07
C ILE A 207 -12.16 2.87 20.23
N PRO A 208 -11.71 2.21 19.16
CA PRO A 208 -11.39 0.78 19.25
C PRO A 208 -10.05 0.55 19.93
N ALA A 209 -9.77 -0.72 20.23
CA ALA A 209 -8.51 -1.05 20.87
C ALA A 209 -7.44 -0.77 19.81
N GLY A 210 -6.26 -0.32 20.25
CA GLY A 210 -5.18 -0.02 19.33
C GLY A 210 -4.63 1.37 19.53
N PRO A 211 -5.38 2.40 19.16
CA PRO A 211 -4.91 3.77 19.34
C PRO A 211 -4.70 4.01 20.83
N GLU A 212 -3.76 4.90 21.19
CA GLU A 212 -3.49 5.23 22.59
C GLU A 212 -4.14 6.57 22.92
N LEU A 213 -4.91 6.63 24.01
CA LEU A 213 -5.55 7.89 24.38
C LEU A 213 -4.47 8.89 24.81
N ILE A 214 -4.62 10.14 24.43
CA ILE A 214 -3.64 11.15 24.81
C ILE A 214 -4.34 12.30 25.55
N VAL A 215 -5.57 12.03 26.01
CA VAL A 215 -6.36 13.00 26.75
C VAL A 215 -6.69 12.38 28.09
N SER A 216 -7.07 13.21 29.05
CA SER A 216 -7.40 12.72 30.38
C SER A 216 -8.73 13.32 30.81
N GLU A 217 -9.40 12.65 31.75
CA GLU A 217 -10.68 13.13 32.28
C GLU A 217 -10.51 14.51 32.85
N GLY A 218 -11.53 15.35 32.67
CA GLY A 218 -11.47 16.71 33.17
C GLY A 218 -10.75 17.63 32.21
N GLU A 219 -10.35 17.08 31.07
CA GLU A 219 -9.63 17.87 30.07
C GLU A 219 -10.56 18.47 29.01
N GLU A 220 -10.28 19.70 28.59
CA GLU A 220 -11.08 20.33 27.56
C GLU A 220 -10.50 19.96 26.20
N VAL A 221 -11.37 19.80 25.22
CA VAL A 221 -10.95 19.43 23.88
C VAL A 221 -11.76 20.19 22.82
N ALA A 222 -11.08 20.60 21.75
CA ALA A 222 -11.74 21.30 20.65
C ALA A 222 -12.35 20.26 19.72
N ALA A 223 -13.32 20.67 18.90
CA ALA A 223 -13.93 19.73 17.98
C ALA A 223 -12.85 19.30 17.00
N GLY A 224 -12.79 18.02 16.69
CA GLY A 224 -11.79 17.56 15.75
C GLY A 224 -10.43 17.35 16.37
N ALA A 225 -10.26 17.78 17.61
CA ALA A 225 -8.97 17.59 18.25
C ALA A 225 -8.67 16.09 18.38
N ALA A 226 -7.38 15.75 18.43
CA ALA A 226 -6.99 14.36 18.54
C ALA A 226 -7.22 13.77 19.95
N LEU A 227 -7.94 12.65 20.00
CA LEU A 227 -8.22 11.97 21.26
C LEU A 227 -7.15 10.90 21.51
N THR A 228 -6.47 10.52 20.42
CA THR A 228 -5.46 9.46 20.48
C THR A 228 -4.19 9.83 19.74
N ASN A 229 -3.18 8.99 19.86
CA ASN A 229 -1.95 9.20 19.13
C ASN A 229 -2.31 8.74 17.71
N ASN A 230 -1.33 8.71 16.82
CA ASN A 230 -1.55 8.18 15.48
C ASN A 230 -0.75 6.92 15.65
N PRO A 231 -1.41 5.75 15.77
CA PRO A 231 -0.63 4.55 15.95
C PRO A 231 0.01 4.00 14.68
N ASN A 232 -0.30 4.59 13.53
CA ASN A 232 0.22 4.09 12.25
C ASN A 232 1.76 4.08 12.20
N VAL A 233 2.37 2.96 11.78
CA VAL A 233 3.83 2.89 11.66
C VAL A 233 4.24 2.46 10.26
N GLY A 234 3.26 2.37 9.35
CA GLY A 234 3.55 1.98 7.99
C GLY A 234 3.29 3.11 7.02
N GLY A 235 3.10 2.77 5.75
CA GLY A 235 2.83 3.84 4.81
C GLY A 235 2.90 3.37 3.37
N PHE A 236 2.47 4.24 2.47
CA PHE A 236 2.45 3.92 1.06
C PHE A 236 3.25 4.99 0.32
N GLY A 237 4.08 4.56 -0.64
CA GLY A 237 4.87 5.51 -1.42
C GLY A 237 4.90 5.15 -2.89
N GLN A 238 5.28 6.11 -3.72
CA GLN A 238 5.35 5.84 -5.16
C GLN A 238 6.71 6.23 -5.69
N LYS A 239 7.09 5.57 -6.78
CA LYS A 239 8.34 5.89 -7.43
C LYS A 239 8.21 5.48 -8.87
N ASP A 240 8.73 6.33 -9.76
CA ASP A 240 8.74 6.09 -11.19
C ASP A 240 10.15 5.85 -11.65
N THR A 241 10.30 5.05 -12.72
CA THR A 241 11.60 4.82 -13.32
C THR A 241 11.32 4.68 -14.81
N GLU A 242 12.35 4.70 -15.62
CA GLU A 242 12.15 4.57 -17.06
C GLU A 242 12.94 3.38 -17.53
N ILE A 243 12.58 2.87 -18.70
CA ILE A 243 13.28 1.75 -19.30
C ILE A 243 13.17 1.92 -20.82
N VAL A 244 14.24 1.55 -21.51
CA VAL A 244 14.27 1.66 -22.96
C VAL A 244 13.99 0.31 -23.62
N LEU A 245 12.91 0.23 -24.40
CA LEU A 245 12.62 -1.01 -25.12
C LEU A 245 13.49 -0.80 -26.34
N GLN A 246 14.56 -1.58 -26.42
CA GLN A 246 15.55 -1.44 -27.47
C GLN A 246 15.55 -2.38 -28.69
N SER A 247 16.14 -1.90 -29.78
CA SER A 247 16.26 -2.69 -31.01
C SER A 247 17.58 -3.44 -30.93
N PRO A 248 17.58 -4.74 -31.24
CA PRO A 248 18.82 -5.52 -31.19
C PRO A 248 20.00 -4.83 -31.86
N ASN A 249 21.13 -4.80 -31.14
CA ASN A 249 22.34 -4.16 -31.64
C ASN A 249 22.11 -2.66 -31.77
ZN ZN B . 13.10 -3.88 5.26
ZN ZN C . 2.59 5.73 -17.23
FE HEC D . -4.53 -2.01 1.57
CHA HEC D . -4.04 -3.77 4.43
CHB HEC D . -1.54 -3.10 0.33
CHC HEC D . -5.26 -0.59 -1.42
CHD HEC D . -7.21 -0.52 2.94
NA HEC D . -3.14 -3.26 2.19
C1A HEC D . -3.10 -3.93 3.37
C2A HEC D . -1.92 -4.78 3.47
C3A HEC D . -1.20 -4.55 2.36
C4A HEC D . -1.96 -3.62 1.53
CMA HEC D . 0.15 -5.15 2.02
CAA HEC D . -1.58 -5.67 4.67
CBA HEC D . -0.70 -4.79 5.60
CGA HEC D . -0.42 -5.42 6.96
O1A HEC D . 0.62 -5.08 7.58
O2A HEC D . -1.25 -6.24 7.42
NB HEC D . -3.60 -1.85 -0.16
C1B HEC D . -2.29 -2.27 -0.47
C2B HEC D . -1.92 -1.86 -1.85
C3B HEC D . -2.98 -1.16 -2.37
C4B HEC D . -4.01 -1.21 -1.32
CMB HEC D . -0.59 -2.05 -2.51
CAB HEC D . -3.08 -0.47 -3.64
CBB HEC D . -2.75 -1.33 -4.89
NC HEC D . -5.98 -0.91 0.86
C1C HEC D . -6.17 -0.43 -0.41
C2C HEC D . -7.38 0.36 -0.51
C3C HEC D . -7.94 0.40 0.70
C4C HEC D . -7.05 -0.37 1.57
CMC HEC D . -7.90 0.93 -1.81
CAC HEC D . -9.12 1.12 1.11
CBC HEC D . -10.46 0.80 0.37
ND HEC D . -5.44 -2.15 3.31
C1D HEC D . -6.49 -1.35 3.75
C2D HEC D . -6.81 -1.58 5.15
C3D HEC D . -5.96 -2.57 5.54
C4D HEC D . -5.13 -2.91 4.40
CMD HEC D . -7.86 -0.87 6.06
CAD HEC D . -5.94 -3.26 6.88
CBD HEC D . -6.87 -4.46 6.99
CGD HEC D . -6.80 -5.09 8.37
O1D HEC D . -7.78 -4.91 9.14
O2D HEC D . -5.76 -5.73 8.66
#